data_1MKX
#
_entry.id   1MKX
#
_cell.length_a   87.520
_cell.length_b   87.990
_cell.length_c   101.650
_cell.angle_alpha   90.00
_cell.angle_beta   90.00
_cell.angle_gamma   90.00
#
_symmetry.space_group_name_H-M   'P 21 21 2'
#
loop_
_entity.id
_entity.type
_entity.pdbx_description
1 polymer ALPHA-THROMBIN
2 polymer ALPHA-THROMBIN
3 polymer PRETHROMBIN-2
4 water water
#
loop_
_entity_poly.entity_id
_entity_poly.type
_entity_poly.pdbx_seq_one_letter_code
_entity_poly.pdbx_strand_id
1 'polypeptide(L)' TSEDHFQPFFNEKTFGAGEADCGLRPLFEKKQVQDQTEKELFESYIEGR L
2 'polypeptide(L)'
;IVEGQDAEVGLSPWQVMLFRKSPQELLCGASLISDRWVLTAAHCLLYPPWDKNFTVDDLLVRIGKHSRTRYERKVEKISM
LDKIYIHPRYNWKENLDRDIALLKLKRPIELSDYIHPVCLPDKQTAAKLLHAGFKGRVTGWGNRRETWTTSVAEVQPSVL
QVVNLPLVERPVCKASTRIRITDNMFCAGYKPGEGKRGDACEGDSGGPFVMKSPYNNRWYQMGIVSWGEGCDRDGKYGFY
THVFRLKKWIQKVIDRLGS
;
H
3 'polypeptide(L)'
;TSEDHFQPFFNEKTFGAGEADCGLRPLFEKKQVQDQTEKELFESYIEGRIVEGQDAEVGLSPWQVMLFRKSPQELLCGAS
LISDRWVLTAAHCLLYPPWDKNFTVDDLLVRIGKHSRTRYERKVEKISMLDKIYIHPRYNWKENLDRDIALLKLKRPIEL
SDYIHPVCLPDKQTAAKLLHAGFKGRVTGWGNRRETWTTSVAEVQPSVLQVVNLPLVERPVCKASTRIRITDNMFCAGYK
PGEGKRGDACEGDSGGPFVMKSPYNNRWYQMGIVSWGEGCDRDGKYGFYTHVFRLKKWIQKVIDRLGS
;
K
#
# COMPACT_ATOMS: atom_id res chain seq x y z
N GLU A 19 -15.82 21.37 27.05
CA GLU A 19 -15.55 22.35 28.16
C GLU A 19 -15.86 23.80 27.72
N ALA A 20 -15.29 24.76 28.46
CA ALA A 20 -15.46 26.20 28.22
C ALA A 20 -14.10 26.90 28.40
N ASP A 21 -13.16 26.25 29.09
CA ASP A 21 -11.82 26.81 29.26
C ASP A 21 -10.78 25.94 28.48
N CYS A 22 -11.27 25.36 27.40
CA CYS A 22 -10.55 24.48 26.51
C CYS A 22 -9.52 25.21 25.75
N GLY A 23 -8.40 24.56 25.50
CA GLY A 23 -7.39 25.16 24.67
C GLY A 23 -6.48 26.15 25.33
N LEU A 24 -6.66 26.45 26.62
CA LEU A 24 -5.76 27.35 27.34
C LEU A 24 -4.98 26.44 28.24
N ARG A 25 -3.68 26.45 28.09
CA ARG A 25 -2.85 25.55 28.84
C ARG A 25 -2.40 26.10 30.11
N PRO A 26 -2.45 25.28 31.16
CA PRO A 26 -2.06 25.52 32.55
C PRO A 26 -0.58 26.01 32.69
N LEU A 27 0.33 25.37 31.97
CA LEU A 27 1.73 25.75 32.03
C LEU A 27 2.15 26.82 31.00
N PHE A 28 1.23 27.22 30.13
CA PHE A 28 1.54 28.21 29.09
C PHE A 28 0.58 29.41 29.02
N GLU A 29 -0.55 29.27 28.34
CA GLU A 29 -1.49 30.39 28.24
C GLU A 29 -1.83 30.99 29.60
N LYS A 30 -2.19 30.11 30.54
CA LYS A 30 -2.59 30.55 31.88
C LYS A 30 -1.45 31.29 32.59
N LYS A 31 -0.21 31.00 32.19
CA LYS A 31 0.98 31.60 32.75
C LYS A 31 1.67 32.66 31.87
N GLN A 32 0.98 33.20 30.87
CA GLN A 32 1.59 34.21 30.00
C GLN A 32 2.94 33.74 29.50
N VAL A 33 3.13 32.43 29.41
CA VAL A 33 4.37 31.87 28.92
C VAL A 33 4.09 31.30 27.52
N GLN A 34 4.78 31.77 26.48
CA GLN A 34 4.57 31.22 25.14
C GLN A 34 5.56 30.07 24.94
N ASP A 35 5.10 28.95 24.37
CA ASP A 35 6.02 27.82 24.15
C ASP A 35 7.15 28.07 23.12
N GLN A 36 8.16 27.19 23.10
CA GLN A 36 9.31 27.29 22.21
C GLN A 36 9.08 27.46 20.70
N THR A 37 8.04 26.82 20.15
CA THR A 37 7.79 26.84 18.73
C THR A 37 6.54 27.57 18.30
N GLU A 38 5.90 28.27 19.23
CA GLU A 38 4.70 29.04 18.92
C GLU A 38 4.88 30.12 17.84
N LYS A 39 6.01 30.85 17.88
CA LYS A 39 6.24 31.92 16.90
C LYS A 39 6.31 31.47 15.48
N GLU A 40 6.62 30.20 15.27
CA GLU A 40 6.68 29.61 13.95
C GLU A 40 5.28 29.57 13.38
N LEU A 41 4.28 29.31 14.23
CA LEU A 41 2.87 29.24 13.79
C LEU A 41 2.33 30.61 13.40
N PHE A 42 2.46 31.56 14.33
CA PHE A 42 2.06 32.96 14.14
C PHE A 42 2.73 33.58 12.92
N GLU A 43 4.05 33.39 12.78
CA GLU A 43 4.79 33.86 11.60
C GLU A 43 4.12 33.34 10.33
N SER A 44 3.58 32.13 10.32
CA SER A 44 2.94 31.58 9.13
C SER A 44 1.63 32.24 8.77
N TYR A 45 0.92 32.73 9.79
CA TYR A 45 -0.37 33.40 9.63
C TYR A 45 -0.18 34.72 8.89
N ILE A 46 0.79 35.51 9.30
CA ILE A 46 0.96 36.79 8.65
C ILE A 46 1.92 36.73 7.47
N GLU A 47 1.91 35.60 6.77
CA GLU A 47 2.74 35.47 5.57
C GLU A 47 1.69 35.49 4.46
N ILE B 1 6.76 10.47 15.14
CA ILE B 1 6.88 11.82 14.47
C ILE B 1 8.25 11.73 13.86
N VAL B 2 8.28 11.85 12.54
CA VAL B 2 9.49 11.82 11.76
C VAL B 2 9.94 13.28 11.73
N GLU B 3 11.17 13.55 12.16
CA GLU B 3 11.74 14.90 12.16
C GLU B 3 11.14 15.95 13.07
N GLY B 4 10.57 15.53 14.20
CA GLY B 4 10.05 16.50 15.14
C GLY B 4 11.06 16.73 16.24
N GLN B 5 10.65 17.34 17.36
CA GLN B 5 11.55 17.52 18.52
C GLN B 5 10.84 17.14 19.80
N ASP B 6 11.54 17.16 20.91
CA ASP B 6 10.92 16.79 22.16
C ASP B 6 9.92 17.80 22.65
N ALA B 7 8.74 17.36 23.03
CA ALA B 7 7.76 18.27 23.53
C ALA B 7 8.20 18.82 24.92
N GLU B 8 7.74 20.03 25.22
CA GLU B 8 8.01 20.65 26.51
C GLU B 8 6.99 20.06 27.49
N VAL B 9 7.39 19.99 28.75
CA VAL B 9 6.51 19.46 29.76
C VAL B 9 5.29 20.34 29.77
N GLY B 10 4.12 19.74 29.56
CA GLY B 10 2.87 20.47 29.60
C GLY B 10 2.47 21.09 28.30
N LEU B 11 3.26 20.83 27.25
CA LEU B 11 3.00 21.34 25.89
C LEU B 11 1.66 20.99 25.29
N SER B 12 1.30 19.73 25.42
CA SER B 12 0.08 19.22 24.87
C SER B 12 -0.70 18.50 25.97
N PRO B 13 -1.54 19.23 26.74
CA PRO B 13 -2.34 18.67 27.85
C PRO B 13 -3.62 17.85 27.46
N TRP B 14 -3.92 17.81 26.19
CA TRP B 14 -5.07 17.06 25.70
C TRP B 14 -4.60 15.75 25.02
N GLN B 15 -3.31 15.52 25.00
CA GLN B 15 -2.77 14.30 24.43
C GLN B 15 -3.37 13.06 25.20
N VAL B 16 -3.58 11.96 24.52
CA VAL B 16 -4.09 10.75 25.13
C VAL B 16 -3.47 9.56 24.37
N MET B 17 -2.95 8.56 25.06
CA MET B 17 -2.40 7.37 24.38
C MET B 17 -3.43 6.23 24.50
N LEU B 18 -3.73 5.61 23.35
CA LEU B 18 -4.65 4.50 23.28
C LEU B 18 -3.79 3.24 23.37
N PHE B 19 -3.88 2.52 24.48
CA PHE B 19 -3.09 1.31 24.66
C PHE B 19 -3.89 0.05 24.53
N ARG B 20 -3.14 -1.01 24.34
CA ARG B 20 -3.66 -2.36 24.30
C ARG B 20 -3.48 -2.78 25.78
N LYS B 21 -4.53 -3.38 26.36
CA LYS B 21 -4.52 -3.78 27.78
C LYS B 21 -3.44 -4.78 28.23
N SER B 22 -3.34 -5.89 27.49
CA SER B 22 -2.40 -7.00 27.76
C SER B 22 -2.16 -7.80 26.45
N PRO B 23 -0.91 -7.88 25.97
CA PRO B 23 0.30 -7.28 26.52
C PRO B 23 0.23 -5.77 26.19
N GLN B 24 0.52 -4.91 27.16
CA GLN B 24 0.40 -3.49 26.88
C GLN B 24 1.31 -2.96 25.81
N GLU B 25 0.67 -2.30 24.85
CA GLU B 25 1.38 -1.72 23.72
C GLU B 25 0.65 -0.50 23.27
N LEU B 26 1.44 0.47 22.84
CA LEU B 26 0.88 1.71 22.33
C LEU B 26 0.29 1.44 20.96
N LEU B 27 -1.00 1.70 20.78
CA LEU B 27 -1.61 1.45 19.50
C LEU B 27 -1.82 2.71 18.69
N CYS B 28 -2.03 3.85 19.33
CA CYS B 28 -2.33 5.08 18.60
C CYS B 28 -2.36 6.24 19.56
N GLY B 29 -2.58 7.42 18.98
CA GLY B 29 -2.71 8.66 19.70
C GLY B 29 -4.18 8.98 19.83
N ALA B 30 -4.48 10.03 20.59
CA ALA B 30 -5.84 10.47 20.83
C ALA B 30 -5.82 11.83 21.54
N SER B 31 -6.95 12.47 21.71
CA SER B 31 -6.99 13.77 22.37
C SER B 31 -8.28 13.94 23.25
N LEU B 32 -8.12 14.64 24.35
CA LEU B 32 -9.15 14.96 25.33
C LEU B 32 -9.89 16.25 24.92
N ILE B 33 -11.19 16.15 24.65
CA ILE B 33 -12.02 17.30 24.27
C ILE B 33 -13.08 17.71 25.36
N SER B 34 -13.09 16.98 26.48
CA SER B 34 -13.97 17.18 27.62
C SER B 34 -13.41 16.27 28.71
N ASP B 35 -14.03 16.26 29.88
CA ASP B 35 -13.51 15.41 30.96
C ASP B 35 -13.95 13.97 30.85
N ARG B 36 -14.88 13.71 29.92
CA ARG B 36 -15.48 12.38 29.64
C ARG B 36 -15.21 11.85 28.21
N TRP B 37 -14.88 12.75 27.28
CA TRP B 37 -14.62 12.39 25.87
C TRP B 37 -13.21 12.53 25.26
N VAL B 38 -12.84 11.46 24.59
CA VAL B 38 -11.58 11.32 23.89
C VAL B 38 -11.93 11.18 22.37
N LEU B 39 -11.17 11.87 21.51
CA LEU B 39 -11.37 11.81 20.05
C LEU B 39 -10.16 11.03 19.44
N THR B 40 -10.41 10.18 18.43
CA THR B 40 -9.32 9.43 17.83
C THR B 40 -9.75 9.06 16.39
N ALA B 41 -8.93 8.23 15.71
CA ALA B 41 -9.19 7.73 14.37
C ALA B 41 -9.88 6.38 14.43
N ALA B 42 -10.96 6.18 13.66
CA ALA B 42 -11.68 4.90 13.60
C ALA B 42 -10.75 3.72 13.23
N HIS B 43 -9.81 3.92 12.30
CA HIS B 43 -8.96 2.81 11.88
C HIS B 43 -8.17 2.29 13.04
N CYS B 44 -7.90 3.12 14.04
CA CYS B 44 -7.17 2.59 15.20
C CYS B 44 -7.98 1.50 15.90
N LEU B 45 -9.30 1.49 15.67
CA LEU B 45 -10.22 0.57 16.35
C LEU B 45 -10.73 -0.57 15.51
N LEU B 46 -11.09 -0.24 14.27
CA LEU B 46 -11.67 -1.18 13.35
C LEU B 46 -11.04 -1.12 11.97
N TYR B 47 -10.42 -2.23 11.59
CA TYR B 47 -9.86 -2.35 10.25
C TYR B 47 -10.03 -3.84 9.99
N PRO B 48 -11.13 -4.18 9.29
CA PRO B 48 -11.47 -5.54 8.97
C PRO B 48 -10.41 -6.38 8.30
N PRO B 49 -9.65 -5.84 7.30
CA PRO B 49 -8.60 -6.66 6.67
C PRO B 49 -7.65 -7.31 7.66
N TRP B 50 -7.33 -6.61 8.74
CA TRP B 50 -6.45 -7.18 9.74
C TRP B 50 -7.26 -7.80 10.90
N ASP B 51 -8.54 -8.16 10.64
CA ASP B 51 -9.45 -8.67 11.69
C ASP B 51 -9.31 -7.85 12.99
N LYS B 52 -9.22 -6.53 12.86
CA LYS B 52 -9.08 -5.66 14.03
C LYS B 52 -10.44 -5.10 14.39
N ASN B 53 -10.83 -5.19 15.66
CA ASN B 53 -12.14 -4.68 16.12
C ASN B 53 -12.11 -4.71 17.66
N PHE B 54 -11.39 -3.77 18.22
CA PHE B 54 -11.22 -3.70 19.65
C PHE B 54 -12.51 -3.33 20.34
N THR B 55 -12.63 -3.76 21.58
CA THR B 55 -13.81 -3.44 22.37
C THR B 55 -13.30 -2.71 23.62
N VAL B 56 -14.22 -2.12 24.36
CA VAL B 56 -13.86 -1.41 25.57
C VAL B 56 -13.08 -2.32 26.53
N ASP B 57 -13.22 -3.63 26.38
CA ASP B 57 -12.45 -4.55 27.22
C ASP B 57 -10.96 -4.76 26.91
N ASP B 58 -10.52 -4.52 25.67
CA ASP B 58 -9.12 -4.73 25.37
C ASP B 58 -8.32 -3.47 25.29
N LEU B 59 -9.00 -2.41 25.69
CA LEU B 59 -8.45 -1.06 25.65
C LEU B 59 -8.25 -0.34 26.97
N LEU B 60 -7.23 0.50 26.99
CA LEU B 60 -6.98 1.34 28.12
C LEU B 60 -6.50 2.68 27.54
N VAL B 61 -6.85 3.78 28.20
CA VAL B 61 -6.43 5.10 27.75
C VAL B 61 -5.52 5.78 28.81
N ARG B 62 -4.39 6.34 28.42
CA ARG B 62 -3.49 6.99 29.38
C ARG B 62 -3.52 8.53 29.16
N ILE B 63 -3.57 9.36 30.21
CA ILE B 63 -3.64 10.84 30.05
C ILE B 63 -2.69 11.63 31.02
N GLY B 64 -2.10 12.73 30.58
CA GLY B 64 -1.18 13.46 31.43
C GLY B 64 0.31 13.11 31.22
N LYS B 65 0.66 12.54 30.07
CA LYS B 65 2.07 12.15 29.82
C LYS B 65 2.73 12.91 28.63
N HIS B 66 4.05 13.17 28.78
CA HIS B 66 4.92 13.85 27.80
C HIS B 66 6.32 13.20 27.82
N SER B 67 6.39 11.98 28.35
CA SER B 67 7.64 11.22 28.44
C SER B 67 7.29 9.75 28.64
N ARG B 68 7.51 8.93 27.62
CA ARG B 68 7.20 7.51 27.70
C ARG B 68 8.38 6.62 28.04
N THR B 69 8.69 6.55 29.33
CA THR B 69 9.78 5.72 29.81
C THR B 69 9.51 5.39 31.28
N ARG B 70 8.35 5.83 31.76
CA ARG B 70 7.97 5.58 33.15
C ARG B 70 6.47 5.77 33.35
N TYR B 71 5.94 5.18 34.41
CA TYR B 71 4.53 5.31 34.77
C TYR B 71 4.53 6.60 35.59
N GLU B 72 4.20 7.72 34.95
CA GLU B 72 4.18 9.02 35.62
C GLU B 72 3.18 9.16 36.77
N ARG B 73 2.56 8.05 37.16
CA ARG B 73 1.59 7.94 38.24
C ARG B 73 0.95 9.21 38.81
N LYS B 74 1.73 10.06 39.46
CA LYS B 74 1.21 11.28 40.04
C LYS B 74 0.51 12.25 39.07
N VAL B 75 1.09 12.52 37.91
CA VAL B 75 0.49 13.44 36.92
C VAL B 75 -0.36 12.74 35.84
N GLU B 76 -0.17 11.42 35.74
CA GLU B 76 -0.83 10.57 34.77
C GLU B 76 -2.08 9.78 35.25
N LYS B 77 -3.12 9.73 34.39
CA LYS B 77 -4.36 8.99 34.60
C LYS B 77 -4.51 7.83 33.60
N ILE B 78 -5.07 6.73 34.03
CA ILE B 78 -5.25 5.57 33.16
C ILE B 78 -6.72 5.35 33.33
N SER B 79 -7.49 5.23 32.25
CA SER B 79 -8.92 5.02 32.40
C SER B 79 -9.40 3.98 31.50
N MET B 80 -10.46 3.34 31.94
CA MET B 80 -11.11 2.35 31.14
C MET B 80 -12.13 3.15 30.34
N LEU B 81 -12.66 2.51 29.32
CA LEU B 81 -13.63 3.15 28.47
C LEU B 81 -14.96 2.56 28.76
N ASP B 82 -15.95 3.40 28.54
CA ASP B 82 -17.29 3.06 28.78
C ASP B 82 -17.82 2.61 27.49
N LYS B 83 -17.76 3.50 26.49
CA LYS B 83 -18.28 3.26 25.13
C LYS B 83 -17.38 3.77 24.01
N ILE B 84 -17.52 3.15 22.86
CA ILE B 84 -16.77 3.48 21.66
C ILE B 84 -17.81 3.82 20.57
N TYR B 85 -17.65 5.00 19.94
CA TYR B 85 -18.55 5.45 18.87
C TYR B 85 -17.75 5.59 17.57
N ILE B 86 -18.10 4.83 16.55
CA ILE B 86 -17.39 4.89 15.30
C ILE B 86 -18.31 5.51 14.26
N HIS B 87 -17.80 6.34 13.38
CA HIS B 87 -18.69 6.95 12.40
C HIS B 87 -19.27 5.83 11.55
N PRO B 88 -20.60 5.83 11.36
CA PRO B 88 -21.28 4.81 10.56
C PRO B 88 -21.03 4.85 9.06
N ARG B 89 -20.21 5.79 8.61
CA ARG B 89 -19.92 5.90 7.20
C ARG B 89 -18.41 5.94 7.00
N TYR B 90 -17.72 5.39 7.98
CA TYR B 90 -16.29 5.29 7.93
C TYR B 90 -15.99 4.40 6.71
N ASN B 91 -14.96 4.70 5.93
CA ASN B 91 -14.69 3.84 4.76
C ASN B 91 -13.30 3.24 4.81
N TRP B 92 -13.21 1.99 5.24
CA TRP B 92 -11.92 1.29 5.37
C TRP B 92 -11.49 0.62 4.10
N LYS B 93 -12.45 0.40 3.20
CA LYS B 93 -12.19 -0.26 1.93
C LYS B 93 -11.47 0.60 0.92
N GLU B 94 -11.86 1.87 0.78
CA GLU B 94 -11.21 2.66 -0.24
C GLU B 94 -10.29 3.82 0.10
N ASN B 95 -10.56 4.59 1.15
CA ASN B 95 -9.64 5.71 1.43
C ASN B 95 -9.67 6.25 2.87
N LEU B 96 -10.33 5.51 3.78
CA LEU B 96 -10.47 5.87 5.20
C LEU B 96 -11.18 7.18 5.39
N ASP B 97 -12.10 7.46 4.47
CA ASP B 97 -12.92 8.66 4.56
C ASP B 97 -13.70 8.54 5.90
N ARG B 98 -14.04 9.70 6.48
CA ARG B 98 -14.71 9.80 7.80
C ARG B 98 -14.05 8.90 8.88
N ASP B 99 -12.71 9.00 8.95
CA ASP B 99 -11.88 8.23 9.88
C ASP B 99 -11.88 8.97 11.19
N ILE B 100 -12.97 8.79 11.91
CA ILE B 100 -13.12 9.44 13.23
C ILE B 100 -13.85 8.54 14.22
N ALA B 101 -13.33 8.52 15.45
CA ALA B 101 -13.98 7.77 16.51
C ALA B 101 -13.99 8.56 17.84
N LEU B 102 -15.03 8.30 18.63
CA LEU B 102 -15.26 8.91 19.95
C LEU B 102 -15.27 7.81 20.99
N LEU B 103 -14.50 8.05 22.05
CA LEU B 103 -14.40 7.13 23.16
C LEU B 103 -14.99 7.78 24.42
N LYS B 104 -15.98 7.17 25.05
CA LYS B 104 -16.53 7.74 26.28
C LYS B 104 -15.77 7.13 27.41
N LEU B 105 -15.25 7.94 28.31
CA LEU B 105 -14.47 7.43 29.43
C LEU B 105 -15.39 6.87 30.48
N LYS B 106 -14.94 5.85 31.20
CA LYS B 106 -15.76 5.20 32.25
C LYS B 106 -16.35 6.21 33.27
N ARG B 107 -15.47 7.04 33.87
CA ARG B 107 -15.83 8.07 34.84
C ARG B 107 -15.13 9.39 34.38
N PRO B 108 -15.72 10.58 34.68
CA PRO B 108 -15.07 11.82 34.27
C PRO B 108 -13.72 11.87 34.94
N ILE B 109 -12.82 12.71 34.45
CA ILE B 109 -11.49 12.79 35.06
C ILE B 109 -11.20 14.14 35.73
N GLU B 110 -10.15 14.18 36.54
CA GLU B 110 -9.78 15.41 37.24
C GLU B 110 -8.65 16.03 36.43
N LEU B 111 -8.94 17.20 35.86
CA LEU B 111 -8.02 18.02 35.10
C LEU B 111 -6.87 18.46 36.00
N SER B 112 -5.77 18.89 35.39
CA SER B 112 -4.61 19.33 36.12
C SER B 112 -3.75 20.20 35.23
N ASP B 113 -2.48 20.30 35.57
CA ASP B 113 -1.58 21.11 34.76
C ASP B 113 -1.23 20.38 33.50
N TYR B 114 -1.34 19.06 33.61
CA TYR B 114 -0.98 18.10 32.59
C TYR B 114 -2.12 17.47 31.89
N ILE B 115 -3.34 17.75 32.34
CA ILE B 115 -4.54 17.15 31.76
C ILE B 115 -5.52 18.29 31.55
N HIS B 116 -5.82 18.62 30.31
CA HIS B 116 -6.70 19.76 30.05
C HIS B 116 -7.20 19.57 28.63
N PRO B 117 -8.50 19.79 28.40
CA PRO B 117 -9.02 19.61 27.07
C PRO B 117 -8.77 20.75 26.06
N VAL B 118 -8.75 20.37 24.78
CA VAL B 118 -8.51 21.28 23.70
C VAL B 118 -9.91 21.62 23.19
N CYS B 119 -10.03 22.63 22.31
CA CYS B 119 -11.35 23.07 21.77
C CYS B 119 -11.66 22.53 20.39
N LEU B 120 -12.93 22.32 20.13
CA LEU B 120 -13.33 21.89 18.82
C LEU B 120 -13.52 23.27 18.10
N PRO B 121 -13.41 23.29 16.75
CA PRO B 121 -13.57 24.55 16.01
C PRO B 121 -15.02 24.91 15.74
N ASP B 122 -15.25 26.19 15.60
CA ASP B 122 -16.57 26.68 15.30
C ASP B 122 -16.43 27.20 13.90
N LYS B 123 -17.56 27.59 13.34
CA LYS B 123 -17.63 28.10 11.99
C LYS B 123 -16.62 29.24 11.69
N GLN B 124 -16.54 30.25 12.54
CA GLN B 124 -15.63 31.35 12.31
C GLN B 124 -14.14 31.04 12.46
N THR B 125 -13.78 30.13 13.36
CA THR B 125 -12.36 29.75 13.57
C THR B 125 -11.76 28.93 12.42
N ALA B 126 -12.53 28.03 11.87
CA ALA B 126 -12.11 27.23 10.77
C ALA B 126 -11.85 28.15 9.55
N ALA B 127 -12.66 29.22 9.44
CA ALA B 127 -12.60 30.22 8.34
C ALA B 127 -11.33 31.00 8.39
N LYS B 128 -11.02 31.51 9.57
CA LYS B 128 -9.83 32.28 9.80
C LYS B 128 -8.52 31.46 9.59
N LEU B 129 -8.47 30.31 10.27
CA LEU B 129 -7.35 29.37 10.32
C LEU B 129 -7.10 28.36 9.19
N LEU B 130 -8.11 27.84 8.50
CA LEU B 130 -7.78 26.91 7.45
C LEU B 130 -7.35 27.47 6.10
N HIS B 131 -6.10 27.94 6.00
CA HIS B 131 -5.54 28.47 4.75
C HIS B 131 -4.18 27.83 4.42
N ALA B 132 -4.05 27.27 3.22
CA ALA B 132 -2.77 26.67 2.77
C ALA B 132 -1.61 27.60 3.12
N GLY B 133 -0.61 27.04 3.76
CA GLY B 133 0.54 27.82 4.19
C GLY B 133 0.48 28.08 5.68
N PHE B 134 -0.71 28.04 6.27
CA PHE B 134 -0.80 28.27 7.71
C PHE B 134 -0.30 26.98 8.35
N LYS B 135 0.38 27.11 9.44
CA LYS B 135 0.93 25.96 10.08
C LYS B 135 0.11 25.51 11.28
N GLY B 136 0.01 24.17 11.41
CA GLY B 136 -0.66 23.46 12.49
C GLY B 136 0.41 22.70 13.24
N ARG B 137 0.05 21.89 14.23
CA ARG B 137 1.02 21.13 15.02
C ARG B 137 0.55 19.72 15.36
N VAL B 138 1.43 18.76 15.14
CA VAL B 138 1.16 17.33 15.34
C VAL B 138 2.03 16.83 16.48
N THR B 139 1.45 15.96 17.30
CA THR B 139 2.16 15.41 18.45
C THR B 139 1.92 13.90 18.51
N GLY B 140 2.84 13.22 19.17
CA GLY B 140 2.73 11.79 19.28
C GLY B 140 4.00 11.09 19.69
N TRP B 141 3.78 9.83 20.07
CA TRP B 141 4.82 8.93 20.52
C TRP B 141 5.18 7.89 19.48
N GLY B 142 4.62 8.02 18.29
CA GLY B 142 4.88 7.08 17.21
C GLY B 142 6.30 7.00 16.71
N ASN B 143 6.54 6.20 15.69
CA ASN B 143 7.90 6.06 15.18
C ASN B 143 8.52 7.32 14.59
N ARG B 144 9.82 7.48 14.86
CA ARG B 144 10.59 8.65 14.37
C ARG B 144 11.13 8.41 12.96
N ARG B 145 10.76 7.30 12.32
CA ARG B 145 11.27 6.95 11.00
C ARG B 145 10.40 5.81 10.47
N GLU B 146 10.21 5.80 9.15
CA GLU B 146 9.39 4.79 8.48
C GLU B 146 10.06 3.44 8.40
N THR B 147 10.90 3.27 7.36
CA THR B 147 11.70 2.05 7.07
C THR B 147 11.21 0.64 6.59
N TRP B 148 12.23 -0.10 6.14
CA TRP B 148 12.29 -1.46 5.58
C TRP B 148 12.17 -2.68 6.55
N THR B 149 13.26 -3.43 6.61
CA THR B 149 13.55 -4.61 7.42
C THR B 149 12.88 -4.77 8.78
N THR B 150 13.55 -4.19 9.77
CA THR B 150 13.17 -4.22 11.16
C THR B 150 13.32 -2.78 11.60
N SER B 151 14.50 -2.23 11.33
CA SER B 151 14.82 -0.84 11.67
C SER B 151 14.46 -0.56 13.13
N VAL B 152 14.53 -1.61 13.94
CA VAL B 152 14.22 -1.51 15.36
C VAL B 152 15.10 -0.50 16.09
N ALA B 153 16.12 0.01 15.38
CA ALA B 153 17.02 1.00 15.94
C ALA B 153 16.32 2.35 16.04
N GLU B 154 16.47 2.99 17.20
CA GLU B 154 15.88 4.31 17.46
C GLU B 154 14.33 4.30 17.40
N VAL B 155 13.76 4.96 16.40
CA VAL B 155 12.32 5.08 16.19
C VAL B 155 11.37 4.78 17.35
N GLN B 156 11.50 5.53 18.42
CA GLN B 156 10.66 5.34 19.58
C GLN B 156 11.03 6.43 20.56
N PRO B 157 10.37 7.58 20.46
CA PRO B 157 10.71 8.67 21.38
C PRO B 157 10.52 8.27 22.84
N SER B 158 11.36 8.83 23.71
CA SER B 158 11.24 8.62 25.14
C SER B 158 10.42 9.80 25.73
N VAL B 159 10.22 10.82 24.89
CA VAL B 159 9.49 12.02 25.24
C VAL B 159 8.47 12.20 24.10
N LEU B 160 7.37 12.90 24.40
CA LEU B 160 6.36 13.18 23.39
C LEU B 160 7.06 13.99 22.29
N GLN B 161 6.67 13.76 21.04
CA GLN B 161 7.30 14.51 19.93
C GLN B 161 6.38 15.55 19.36
N VAL B 162 6.99 16.66 18.91
CA VAL B 162 6.29 17.79 18.24
C VAL B 162 6.90 18.19 16.88
N VAL B 163 6.02 18.49 15.93
CA VAL B 163 6.45 19.03 14.63
C VAL B 163 5.28 19.94 14.16
N ASN B 164 5.59 21.12 13.61
CA ASN B 164 4.59 22.09 13.10
C ASN B 164 4.69 21.95 11.59
N LEU B 165 3.55 21.82 10.93
CA LEU B 165 3.56 21.59 9.50
C LEU B 165 2.60 22.48 8.80
N PRO B 166 2.95 22.90 7.57
CA PRO B 166 2.03 23.78 6.86
C PRO B 166 0.89 23.06 6.17
N LEU B 167 -0.25 23.76 6.06
CA LEU B 167 -1.45 23.26 5.37
C LEU B 167 -1.17 23.39 3.87
N VAL B 168 -1.48 22.34 3.13
CA VAL B 168 -1.24 22.32 1.70
C VAL B 168 -2.55 22.54 0.93
N GLU B 169 -2.50 23.28 -0.18
CA GLU B 169 -3.71 23.47 -0.94
C GLU B 169 -4.28 22.15 -1.51
N ARG B 170 -5.60 22.05 -1.50
CA ARG B 170 -6.29 20.86 -1.97
C ARG B 170 -5.83 20.29 -3.31
N PRO B 171 -5.67 21.12 -4.35
CA PRO B 171 -5.22 20.53 -5.63
C PRO B 171 -3.83 19.84 -5.54
N VAL B 172 -2.90 20.36 -4.73
CA VAL B 172 -1.57 19.74 -4.55
C VAL B 172 -1.75 18.41 -3.81
N CYS B 173 -2.66 18.40 -2.81
CA CYS B 173 -2.98 17.17 -2.09
C CYS B 173 -3.55 16.13 -3.02
N LYS B 174 -4.52 16.49 -3.87
CA LYS B 174 -5.09 15.51 -4.81
C LYS B 174 -4.11 14.89 -5.79
N ALA B 175 -3.20 15.71 -6.31
CA ALA B 175 -2.23 15.29 -7.32
C ALA B 175 -1.04 14.56 -6.73
N SER B 176 -0.88 14.50 -5.41
CA SER B 176 0.25 13.74 -4.82
C SER B 176 -0.01 12.26 -4.76
N THR B 177 -1.23 11.84 -5.02
CA THR B 177 -1.56 10.44 -4.87
C THR B 177 -2.62 10.03 -5.82
N ARG B 178 -2.73 8.72 -6.03
CA ARG B 178 -3.76 8.18 -6.93
C ARG B 178 -5.01 7.67 -6.18
N ILE B 179 -5.07 7.99 -4.86
CA ILE B 179 -6.19 7.68 -3.97
C ILE B 179 -7.21 8.84 -3.99
N ARG B 180 -8.50 8.51 -4.09
CA ARG B 180 -9.53 9.53 -4.10
C ARG B 180 -9.62 10.20 -2.73
N ILE B 181 -9.24 11.46 -2.70
CA ILE B 181 -9.31 12.27 -1.50
C ILE B 181 -10.71 12.93 -1.50
N THR B 182 -11.36 12.95 -0.36
CA THR B 182 -12.67 13.56 -0.20
C THR B 182 -12.60 14.84 0.65
N ASP B 183 -13.67 15.62 0.67
CA ASP B 183 -13.75 16.83 1.50
C ASP B 183 -13.65 16.66 3.01
N ASN B 184 -13.67 15.42 3.50
CA ASN B 184 -13.56 15.15 4.92
C ASN B 184 -12.13 14.92 5.30
N MET B 185 -11.19 15.30 4.42
CA MET B 185 -9.78 15.16 4.69
C MET B 185 -8.99 16.24 4.05
N PHE B 186 -7.96 16.71 4.76
CA PHE B 186 -7.03 17.74 4.27
C PHE B 186 -5.60 17.20 4.45
N CYS B 187 -4.61 17.70 3.70
CA CYS B 187 -3.23 17.21 3.90
C CYS B 187 -2.34 18.35 4.36
N ALA B 188 -1.25 18.01 5.03
CA ALA B 188 -0.35 19.03 5.50
C ALA B 188 1.07 18.49 5.35
N GLY B 189 2.06 19.38 5.41
CA GLY B 189 3.43 18.95 5.25
C GLY B 189 4.16 19.81 4.23
N TYR B 190 5.47 19.73 4.23
CA TYR B 190 6.27 20.51 3.33
C TYR B 190 6.38 19.95 1.90
N LYS B 191 6.59 20.88 0.98
CA LYS B 191 6.77 20.54 -0.39
C LYS B 191 8.24 20.30 -0.63
N PRO B 192 8.55 19.55 -1.70
CA PRO B 192 9.95 19.25 -2.04
C PRO B 192 10.87 20.50 -2.08
N GLY B 193 10.41 21.62 -2.63
CA GLY B 193 11.28 22.77 -2.68
C GLY B 193 11.36 23.60 -1.43
N GLU B 194 10.68 23.15 -0.37
CA GLU B 194 10.73 23.88 0.88
C GLU B 194 11.91 23.40 1.76
N GLY B 195 12.58 22.35 1.34
CA GLY B 195 13.74 21.91 2.08
C GLY B 195 13.45 21.29 3.41
N LYS B 196 12.58 21.90 4.20
CA LYS B 196 12.20 21.34 5.49
C LYS B 196 11.40 19.98 5.40
N ARG B 197 11.36 19.23 6.51
CA ARG B 197 10.70 17.94 6.59
C ARG B 197 9.86 17.83 7.85
N GLY B 198 9.23 16.66 8.00
CA GLY B 198 8.40 16.41 9.15
C GLY B 198 7.14 15.73 8.67
N ASP B 199 6.67 14.77 9.46
CA ASP B 199 5.46 14.00 9.17
C ASP B 199 5.11 13.15 10.39
N ALA B 200 3.89 12.66 10.39
CA ALA B 200 3.38 11.76 11.41
C ALA B 200 3.92 10.37 10.95
N CYS B 201 3.93 9.39 11.84
CA CYS B 201 4.40 8.05 11.45
C CYS B 201 3.66 6.98 12.24
N GLU B 202 4.04 5.74 12.08
CA GLU B 202 3.34 4.64 12.74
C GLU B 202 3.22 4.81 14.25
N GLY B 203 1.99 4.76 14.72
CA GLY B 203 1.71 4.92 16.12
C GLY B 203 1.20 6.30 16.51
N ASP B 204 1.26 7.22 15.56
CA ASP B 204 0.85 8.61 15.73
C ASP B 204 -0.60 8.81 15.34
N SER B 205 -1.17 7.86 14.58
CA SER B 205 -2.53 8.06 14.13
C SER B 205 -3.60 8.14 15.18
N GLY B 206 -4.63 8.91 14.89
CA GLY B 206 -5.63 9.13 15.89
C GLY B 206 -5.29 10.39 16.70
N GLY B 207 -4.01 10.81 16.68
CA GLY B 207 -3.54 11.97 17.43
C GLY B 207 -4.02 13.31 16.88
N PRO B 208 -3.78 14.42 17.61
CA PRO B 208 -4.25 15.73 17.12
C PRO B 208 -3.34 16.63 16.26
N PHE B 209 -4.00 17.37 15.37
CA PHE B 209 -3.41 18.40 14.52
C PHE B 209 -4.15 19.63 15.03
N VAL B 210 -3.44 20.45 15.79
CA VAL B 210 -4.04 21.64 16.35
C VAL B 210 -3.45 22.96 15.81
N MET B 211 -4.21 24.03 15.99
CA MET B 211 -3.77 25.37 15.59
C MET B 211 -4.25 26.33 16.65
N LYS B 212 -3.37 27.25 16.98
CA LYS B 212 -3.65 28.29 17.96
C LYS B 212 -4.32 29.51 17.38
N SER B 213 -5.50 29.89 17.88
CA SER B 213 -6.19 31.11 17.44
C SER B 213 -5.61 32.45 18.00
N PRO B 214 -5.20 33.38 17.09
CA PRO B 214 -4.68 34.64 17.64
C PRO B 214 -5.80 35.52 18.20
N TYR B 215 -7.03 35.32 17.73
CA TYR B 215 -8.16 36.09 18.21
C TYR B 215 -8.51 35.81 19.67
N ASN B 216 -8.34 34.59 20.15
CA ASN B 216 -8.66 34.28 21.56
C ASN B 216 -7.57 33.56 22.38
N ASN B 217 -6.38 33.40 21.79
CA ASN B 217 -5.30 32.75 22.47
C ASN B 217 -5.51 31.24 22.78
N ARG B 218 -6.53 30.61 22.20
CA ARG B 218 -6.82 29.19 22.47
C ARG B 218 -6.37 28.18 21.37
N TRP B 219 -6.07 26.93 21.78
CA TRP B 219 -5.71 25.86 20.83
C TRP B 219 -6.98 25.12 20.40
N TYR B 220 -7.11 24.86 19.09
CA TYR B 220 -8.28 24.21 18.47
C TYR B 220 -7.88 22.96 17.66
N GLN B 221 -8.58 21.84 17.84
CA GLN B 221 -8.25 20.63 17.09
C GLN B 221 -8.85 20.71 15.68
N MET B 222 -7.99 20.81 14.66
CA MET B 222 -8.44 20.92 13.26
C MET B 222 -8.45 19.58 12.51
N GLY B 223 -7.59 18.65 12.94
CA GLY B 223 -7.57 17.35 12.30
C GLY B 223 -7.12 16.22 13.20
N ILE B 224 -7.27 15.00 12.70
CA ILE B 224 -6.86 13.81 13.44
C ILE B 224 -5.87 13.14 12.50
N VAL B 225 -4.69 12.77 12.99
CA VAL B 225 -3.74 12.07 12.10
C VAL B 225 -4.42 10.81 11.49
N SER B 226 -4.49 10.72 10.17
CA SER B 226 -5.17 9.61 9.54
C SER B 226 -4.36 8.62 8.71
N TRP B 227 -3.67 9.08 7.67
CA TRP B 227 -2.87 8.16 6.85
C TRP B 227 -1.91 8.90 5.94
N GLY B 228 -1.12 8.19 5.18
CA GLY B 228 -0.19 8.79 4.26
C GLY B 228 0.52 7.59 3.65
N GLU B 229 1.31 7.80 2.60
CA GLU B 229 2.05 6.71 1.98
C GLU B 229 3.48 6.76 2.48
N GLY B 230 3.77 5.89 3.43
CA GLY B 230 5.05 5.88 4.09
C GLY B 230 5.00 6.97 5.15
N CYS B 231 6.16 7.47 5.53
CA CYS B 231 6.26 8.56 6.50
C CYS B 231 7.35 9.47 5.91
N ASP B 232 7.11 10.79 5.90
CA ASP B 232 8.08 11.75 5.39
C ASP B 232 8.68 11.46 4.01
N ARG B 233 7.90 10.89 3.09
CA ARG B 233 8.45 10.67 1.76
C ARG B 233 8.42 11.99 0.92
N ASP B 234 9.41 12.22 0.05
CA ASP B 234 9.43 13.42 -0.80
C ASP B 234 8.24 13.35 -1.77
N GLY B 235 7.57 14.50 -1.98
CA GLY B 235 6.40 14.57 -2.85
C GLY B 235 5.10 14.02 -2.24
N LYS B 236 5.17 13.56 -1.02
CA LYS B 236 4.01 13.04 -0.38
C LYS B 236 3.63 13.82 0.86
N TYR B 237 2.36 13.72 1.25
CA TYR B 237 1.81 14.44 2.40
C TYR B 237 1.00 13.59 3.38
N GLY B 238 0.83 14.09 4.58
CA GLY B 238 0.06 13.32 5.53
C GLY B 238 -1.38 13.79 5.38
N PHE B 239 -2.32 12.87 5.56
CA PHE B 239 -3.75 13.17 5.49
C PHE B 239 -4.40 13.08 6.88
N TYR B 240 -5.16 14.13 7.18
CA TYR B 240 -5.85 14.35 8.44
C TYR B 240 -7.35 14.41 8.24
N THR B 241 -8.12 13.84 9.18
CA THR B 241 -9.56 13.89 9.13
C THR B 241 -9.93 15.33 9.50
N HIS B 242 -10.83 15.90 8.72
CA HIS B 242 -11.24 17.28 8.89
C HIS B 242 -12.28 17.34 10.03
N VAL B 243 -11.83 17.71 11.22
CA VAL B 243 -12.71 17.76 12.37
C VAL B 243 -13.97 18.64 12.13
N PHE B 244 -13.77 19.87 11.69
CA PHE B 244 -14.88 20.76 11.45
C PHE B 244 -15.95 20.21 10.48
N ARG B 245 -15.56 19.46 9.46
CA ARG B 245 -16.55 18.90 8.55
C ARG B 245 -17.38 17.84 9.31
N LEU B 246 -16.74 17.06 10.20
CA LEU B 246 -17.42 16.01 10.97
C LEU B 246 -18.07 16.52 12.28
N LYS B 247 -18.01 17.83 12.50
CA LYS B 247 -18.53 18.51 13.70
C LYS B 247 -19.94 18.09 14.07
N LYS B 248 -20.81 17.98 13.06
CA LYS B 248 -22.22 17.58 13.22
C LYS B 248 -22.35 16.20 13.84
N TRP B 249 -21.63 15.23 13.27
CA TRP B 249 -21.63 13.90 13.79
C TRP B 249 -21.15 13.96 15.24
N ILE B 250 -20.00 14.58 15.48
CA ILE B 250 -19.49 14.68 16.87
C ILE B 250 -20.60 15.19 17.76
N GLN B 251 -21.33 16.19 17.32
CA GLN B 251 -22.37 16.76 18.13
C GLN B 251 -23.55 15.90 18.43
N LYS B 252 -23.89 15.04 17.49
CA LYS B 252 -25.00 14.13 17.71
C LYS B 252 -24.61 13.08 18.73
N VAL B 253 -23.37 12.59 18.70
CA VAL B 253 -23.02 11.56 19.66
C VAL B 253 -22.71 12.04 21.07
N ILE B 254 -22.86 13.33 21.33
CA ILE B 254 -22.59 13.78 22.69
C ILE B 254 -23.83 14.30 23.41
N ASP B 255 -24.94 14.42 22.67
CA ASP B 255 -26.22 14.88 23.21
C ASP B 255 -27.34 13.82 22.86
N GLY C 18 7.15 -33.32 -14.34
CA GLY C 18 7.76 -33.54 -15.69
C GLY C 18 6.73 -33.40 -16.78
N GLU C 19 7.06 -32.65 -17.83
CA GLU C 19 6.14 -32.44 -18.92
C GLU C 19 6.88 -32.48 -20.27
N ALA C 20 6.96 -33.72 -20.75
CA ALA C 20 7.60 -34.12 -22.00
C ALA C 20 7.82 -33.13 -23.14
N ASP C 21 6.78 -32.42 -23.53
CA ASP C 21 6.93 -31.53 -24.65
C ASP C 21 6.71 -30.05 -24.37
N CYS C 22 6.89 -29.70 -23.10
CA CYS C 22 6.74 -28.31 -22.62
C CYS C 22 7.66 -27.26 -23.31
N GLY C 23 7.17 -26.05 -23.48
CA GLY C 23 7.97 -24.99 -24.07
C GLY C 23 8.31 -24.97 -25.54
N LEU C 24 7.98 -26.05 -26.26
CA LEU C 24 8.23 -26.05 -27.70
C LEU C 24 6.90 -25.62 -28.34
N ARG C 25 6.90 -24.45 -28.94
CA ARG C 25 5.71 -23.94 -29.54
C ARG C 25 5.54 -24.48 -30.96
N PRO C 26 4.33 -24.98 -31.27
CA PRO C 26 3.98 -25.52 -32.57
C PRO C 26 4.19 -24.52 -33.72
N LEU C 27 3.66 -23.32 -33.60
CA LEU C 27 3.83 -22.34 -34.67
C LEU C 27 5.25 -21.72 -34.82
N PHE C 28 6.20 -22.18 -34.01
CA PHE C 28 7.56 -21.63 -34.03
C PHE C 28 8.66 -22.68 -33.83
N GLU C 29 8.96 -23.05 -32.59
CA GLU C 29 10.00 -24.04 -32.34
C GLU C 29 9.80 -25.26 -33.17
N LYS C 30 8.54 -25.64 -33.38
CA LYS C 30 8.26 -26.85 -34.11
C LYS C 30 8.33 -26.66 -35.59
N LYS C 31 7.66 -25.63 -36.12
CA LYS C 31 7.74 -25.36 -37.54
C LYS C 31 9.12 -24.73 -37.83
N GLN C 32 10.11 -25.04 -37.00
CA GLN C 32 11.46 -24.47 -37.13
C GLN C 32 11.54 -22.98 -37.56
N VAL C 33 10.69 -22.16 -36.96
CA VAL C 33 10.68 -20.75 -37.26
C VAL C 33 10.85 -19.96 -35.95
N GLN C 34 11.67 -18.92 -35.99
CA GLN C 34 11.88 -18.12 -34.81
C GLN C 34 11.03 -16.85 -34.79
N ASP C 35 10.64 -16.38 -33.60
CA ASP C 35 9.80 -15.21 -33.59
C ASP C 35 10.57 -13.93 -33.80
N GLN C 36 9.86 -12.90 -34.21
CA GLN C 36 10.46 -11.60 -34.50
C GLN C 36 11.20 -10.89 -33.36
N THR C 37 11.32 -11.53 -32.21
CA THR C 37 11.89 -10.82 -31.10
C THR C 37 12.90 -11.57 -30.21
N GLU C 38 12.90 -12.90 -30.29
CA GLU C 38 13.79 -13.71 -29.48
C GLU C 38 15.30 -13.48 -29.61
N LYS C 39 15.73 -12.89 -30.73
CA LYS C 39 17.15 -12.59 -30.98
C LYS C 39 17.63 -11.55 -29.95
N GLU C 40 16.69 -10.70 -29.55
CA GLU C 40 17.00 -9.69 -28.57
C GLU C 40 17.31 -10.38 -27.27
N LEU C 41 16.76 -11.56 -27.07
CA LEU C 41 17.00 -12.32 -25.86
C LEU C 41 18.34 -13.07 -25.95
N PHE C 42 18.72 -13.48 -27.17
CA PHE C 42 19.99 -14.21 -27.36
C PHE C 42 21.21 -13.29 -27.26
N GLU C 43 21.08 -12.06 -27.74
CA GLU C 43 22.16 -11.10 -27.65
C GLU C 43 22.48 -10.93 -26.18
N SER C 44 21.43 -10.76 -25.38
CA SER C 44 21.65 -10.55 -23.96
C SER C 44 22.41 -11.69 -23.30
N TYR C 45 22.24 -12.89 -23.84
CA TYR C 45 22.94 -14.04 -23.23
C TYR C 45 24.41 -13.91 -23.41
N ILE C 46 24.80 -13.23 -24.47
CA ILE C 46 26.21 -13.05 -24.71
C ILE C 46 26.61 -11.61 -24.46
N GLU C 47 26.05 -11.02 -23.39
CA GLU C 47 26.29 -9.64 -22.93
C GLU C 47 25.37 -8.49 -23.37
N GLY C 48 25.53 -8.01 -24.60
CA GLY C 48 24.71 -6.90 -25.10
C GLY C 48 23.21 -6.98 -24.87
N ARG C 49 22.55 -5.84 -24.71
CA ARG C 49 21.09 -5.83 -24.45
C ARG C 49 20.34 -4.55 -24.89
N ILE C 50 19.16 -4.37 -24.28
CA ILE C 50 18.19 -3.25 -24.40
C ILE C 50 17.05 -3.05 -25.45
N VAL C 51 15.92 -2.62 -24.87
CA VAL C 51 14.61 -2.22 -25.44
C VAL C 51 13.68 -2.76 -26.54
N GLU C 52 12.47 -2.19 -26.49
CA GLU C 52 11.30 -2.37 -27.37
C GLU C 52 10.23 -3.45 -27.13
N GLY C 53 8.97 -3.01 -27.21
CA GLY C 53 7.82 -3.87 -27.01
C GLY C 53 6.68 -3.53 -27.96
N GLN C 54 6.02 -4.54 -28.52
CA GLN C 54 4.91 -4.35 -29.46
C GLN C 54 3.96 -5.56 -29.48
N ASP C 55 3.05 -5.57 -30.44
CA ASP C 55 2.08 -6.65 -30.64
C ASP C 55 2.73 -8.03 -30.82
N ALA C 56 2.07 -9.06 -30.33
CA ALA C 56 2.62 -10.39 -30.45
C ALA C 56 2.23 -11.01 -31.78
N GLU C 57 3.03 -11.95 -32.27
CA GLU C 57 2.62 -12.62 -33.48
C GLU C 57 1.83 -13.85 -33.04
N VAL C 58 0.95 -14.35 -33.91
CA VAL C 58 0.11 -15.48 -33.57
C VAL C 58 0.83 -16.74 -33.07
N GLY C 59 0.24 -17.36 -32.04
CA GLY C 59 0.82 -18.56 -31.43
C GLY C 59 2.10 -18.33 -30.67
N LEU C 60 2.46 -17.07 -30.50
CA LEU C 60 3.69 -16.68 -29.77
C LEU C 60 3.77 -17.20 -28.33
N SER C 61 2.64 -17.15 -27.61
CA SER C 61 2.56 -17.57 -26.19
C SER C 61 1.39 -18.55 -25.96
N PRO C 62 1.50 -19.80 -26.40
CA PRO C 62 0.37 -20.72 -26.19
C PRO C 62 0.15 -21.20 -24.76
N TRP C 63 0.88 -20.66 -23.80
CA TRP C 63 0.72 -21.07 -22.39
C TRP C 63 0.03 -19.96 -21.63
N GLN C 64 -0.38 -18.91 -22.35
CA GLN C 64 -1.06 -17.75 -21.82
C GLN C 64 -2.48 -18.08 -21.41
N VAL C 65 -2.81 -17.77 -20.17
CA VAL C 65 -4.17 -18.06 -19.71
C VAL C 65 -4.84 -16.78 -19.21
N MET C 66 -6.14 -16.68 -19.38
CA MET C 66 -6.85 -15.51 -18.89
C MET C 66 -7.78 -15.85 -17.73
N LEU C 67 -7.57 -15.14 -16.62
CA LEU C 67 -8.38 -15.30 -15.43
C LEU C 67 -9.55 -14.30 -15.57
N PHE C 68 -10.78 -14.79 -15.59
CA PHE C 68 -12.00 -13.96 -15.76
C PHE C 68 -13.01 -13.98 -14.56
N ARG C 69 -13.74 -12.90 -14.38
CA ARG C 69 -14.73 -12.96 -13.35
C ARG C 69 -15.86 -13.57 -14.15
N LYS C 70 -16.51 -14.57 -13.60
CA LYS C 70 -17.62 -15.23 -14.27
C LYS C 70 -18.81 -14.30 -14.64
N SER C 71 -19.33 -13.54 -13.66
CA SER C 71 -20.46 -12.62 -13.87
C SER C 71 -20.41 -11.39 -12.89
N PRO C 72 -20.33 -10.15 -13.40
CA PRO C 72 -20.27 -9.71 -14.80
C PRO C 72 -18.86 -10.07 -15.25
N GLN C 73 -18.81 -10.66 -16.43
CA GLN C 73 -17.60 -11.13 -17.04
C GLN C 73 -16.57 -10.04 -17.16
N GLU C 74 -15.36 -10.23 -16.66
CA GLU C 74 -14.29 -9.21 -16.79
C GLU C 74 -12.92 -9.76 -16.52
N LEU C 75 -11.93 -9.26 -17.25
CA LEU C 75 -10.58 -9.75 -17.11
C LEU C 75 -10.06 -9.34 -15.77
N LEU C 76 -9.52 -10.33 -15.06
CA LEU C 76 -8.98 -10.11 -13.75
C LEU C 76 -7.49 -10.07 -13.73
N CYS C 77 -6.88 -11.03 -14.41
CA CYS C 77 -5.43 -11.21 -14.40
C CYS C 77 -4.95 -12.19 -15.47
N GLY C 78 -3.63 -12.35 -15.53
CA GLY C 78 -3.02 -13.32 -16.42
C GLY C 78 -2.61 -14.57 -15.62
N ALA C 79 -2.32 -15.64 -16.37
CA ALA C 79 -1.88 -16.93 -15.83
C ALA C 79 -1.11 -17.74 -16.91
N SER C 80 -0.71 -18.94 -16.54
CA SER C 80 0.05 -19.84 -17.38
C SER C 80 -0.32 -21.32 -17.31
N LEU C 81 -0.33 -21.96 -18.49
CA LEU C 81 -0.58 -23.39 -18.56
C LEU C 81 0.74 -24.14 -18.31
N ILE C 82 0.83 -24.87 -17.21
CA ILE C 82 2.02 -25.63 -16.94
C ILE C 82 1.86 -27.11 -17.28
N SER C 83 0.66 -27.52 -17.66
CA SER C 83 0.36 -28.91 -18.04
C SER C 83 -1.06 -28.88 -18.62
N ASP C 84 -1.69 -30.03 -18.78
CA ASP C 84 -3.05 -30.10 -19.34
C ASP C 84 -4.16 -29.80 -18.30
N ARG C 85 -3.80 -29.74 -17.02
CA ARG C 85 -4.83 -29.44 -16.05
C ARG C 85 -4.42 -28.45 -14.94
N TRP C 86 -3.26 -27.83 -15.03
CA TRP C 86 -2.80 -26.89 -14.00
C TRP C 86 -2.43 -25.56 -14.63
N VAL C 87 -2.74 -24.50 -13.91
CA VAL C 87 -2.54 -23.11 -14.34
C VAL C 87 -1.91 -22.38 -13.15
N LEU C 88 -0.85 -21.62 -13.45
CA LEU C 88 -0.10 -20.89 -12.45
C LEU C 88 -0.41 -19.41 -12.56
N THR C 89 -0.62 -18.77 -11.40
CA THR C 89 -0.91 -17.34 -11.32
C THR C 89 -0.42 -16.74 -9.98
N ALA C 90 -0.67 -15.46 -9.80
CA ALA C 90 -0.29 -14.82 -8.56
C ALA C 90 -1.47 -14.88 -7.57
N ALA C 91 -1.16 -15.14 -6.30
CA ALA C 91 -2.10 -15.19 -5.16
C ALA C 91 -2.88 -13.91 -4.99
N HIS C 92 -2.27 -12.77 -5.26
CA HIS C 92 -3.04 -11.55 -5.05
C HIS C 92 -4.16 -11.36 -6.05
N CYS C 93 -4.15 -12.19 -7.10
CA CYS C 93 -5.20 -12.15 -8.15
C CYS C 93 -6.49 -12.76 -7.55
N LEU C 94 -6.31 -13.71 -6.64
CA LEU C 94 -7.40 -14.38 -5.97
C LEU C 94 -7.69 -13.81 -4.59
N LEU C 95 -6.67 -13.66 -3.77
CA LEU C 95 -6.86 -13.15 -2.44
C LEU C 95 -6.08 -11.88 -2.03
N TYR C 96 -6.76 -10.74 -1.87
CA TYR C 96 -6.11 -9.51 -1.40
C TYR C 96 -7.11 -8.93 -0.40
N PRO C 97 -6.95 -9.29 0.89
CA PRO C 97 -7.93 -8.73 1.84
C PRO C 97 -8.15 -7.19 1.94
N PRO C 98 -7.09 -6.35 1.88
CA PRO C 98 -7.33 -4.90 1.97
C PRO C 98 -8.39 -4.42 0.98
N TRP C 99 -8.40 -5.03 -0.20
CA TRP C 99 -9.35 -4.67 -1.23
C TRP C 99 -10.60 -5.51 -1.07
N ASP C 100 -10.57 -6.33 -0.04
CA ASP C 100 -11.68 -7.18 0.25
C ASP C 100 -11.92 -8.13 -0.96
N LYS C 101 -10.84 -8.71 -1.48
CA LYS C 101 -10.92 -9.61 -2.61
C LYS C 101 -10.62 -10.99 -2.08
N ASN C 102 -11.44 -11.95 -2.46
CA ASN C 102 -11.24 -13.33 -2.05
C ASN C 102 -12.14 -14.17 -2.94
N PHE C 103 -11.63 -14.57 -4.09
CA PHE C 103 -12.43 -15.34 -5.01
C PHE C 103 -12.34 -16.84 -4.76
N THR C 104 -13.44 -17.53 -5.06
CA THR C 104 -13.55 -18.96 -4.93
C THR C 104 -13.79 -19.50 -6.35
N VAL C 105 -13.67 -20.81 -6.49
CA VAL C 105 -13.90 -21.50 -7.73
C VAL C 105 -15.12 -20.99 -8.52
N ASP C 106 -16.23 -20.77 -7.83
CA ASP C 106 -17.46 -20.30 -8.48
C ASP C 106 -17.51 -18.90 -8.99
N ASP C 107 -16.48 -18.08 -8.78
CA ASP C 107 -16.50 -16.67 -9.27
C ASP C 107 -15.68 -16.49 -10.53
N LEU C 108 -14.88 -17.51 -10.81
CA LEU C 108 -13.90 -17.52 -11.87
C LEU C 108 -14.12 -18.44 -13.06
N LEU C 109 -13.34 -18.16 -14.08
CA LEU C 109 -13.33 -18.95 -15.28
C LEU C 109 -11.98 -18.64 -15.96
N VAL C 110 -11.41 -19.57 -16.71
CA VAL C 110 -10.15 -19.27 -17.42
C VAL C 110 -10.39 -19.38 -18.93
N ARG C 111 -9.75 -18.50 -19.72
CA ARG C 111 -9.85 -18.57 -21.17
C ARG C 111 -8.44 -18.89 -21.66
N ILE C 112 -8.29 -20.08 -22.24
CA ILE C 112 -7.04 -20.58 -22.75
C ILE C 112 -6.99 -20.67 -24.30
N GLY C 113 -5.85 -20.30 -24.89
CA GLY C 113 -5.71 -20.38 -26.33
C GLY C 113 -6.10 -19.20 -27.17
N LYS C 114 -5.98 -18.00 -26.64
CA LYS C 114 -6.35 -16.82 -27.40
C LYS C 114 -5.13 -15.85 -27.53
N HIS C 115 -5.19 -14.91 -28.48
CA HIS C 115 -4.12 -13.95 -28.66
C HIS C 115 -4.73 -12.55 -28.79
N SER C 116 -5.86 -12.36 -28.13
CA SER C 116 -6.60 -11.10 -28.13
C SER C 116 -7.77 -11.30 -27.18
N ARG C 117 -8.49 -10.24 -26.88
CA ARG C 117 -9.65 -10.32 -26.00
C ARG C 117 -10.93 -9.99 -26.77
N THR C 118 -11.97 -9.58 -26.06
CA THR C 118 -13.26 -9.19 -26.63
C THR C 118 -14.04 -10.26 -27.39
N ARG C 119 -13.46 -10.78 -28.48
CA ARG C 119 -14.10 -11.79 -29.30
C ARG C 119 -14.09 -13.18 -28.68
N TYR C 120 -14.93 -14.06 -29.21
CA TYR C 120 -15.02 -15.44 -28.75
C TYR C 120 -14.43 -16.32 -29.83
N GLU C 121 -13.18 -16.72 -29.64
CA GLU C 121 -12.46 -17.57 -30.58
C GLU C 121 -13.23 -18.90 -30.74
N ARG C 122 -14.13 -18.96 -31.72
CA ARG C 122 -14.93 -20.16 -31.92
C ARG C 122 -14.10 -21.36 -32.38
N LYS C 123 -14.32 -22.50 -31.71
CA LYS C 123 -13.65 -23.77 -32.02
C LYS C 123 -12.16 -23.77 -31.66
N VAL C 124 -11.67 -22.64 -31.14
CA VAL C 124 -10.26 -22.53 -30.76
C VAL C 124 -10.06 -22.00 -29.33
N GLU C 125 -11.03 -21.25 -28.83
CA GLU C 125 -10.96 -20.72 -27.47
C GLU C 125 -11.36 -21.84 -26.51
N LYS C 126 -10.71 -21.92 -25.36
CA LYS C 126 -11.07 -22.95 -24.40
C LYS C 126 -11.49 -22.29 -23.09
N ILE C 127 -12.80 -22.15 -22.90
CA ILE C 127 -13.25 -21.60 -21.64
C ILE C 127 -13.45 -22.74 -20.67
N SER C 128 -12.83 -22.66 -19.50
CA SER C 128 -12.92 -23.71 -18.53
C SER C 128 -13.25 -23.20 -17.13
N MET C 129 -13.61 -24.15 -16.30
CA MET C 129 -13.97 -23.92 -14.92
C MET C 129 -12.90 -24.49 -14.06
N LEU C 130 -12.65 -23.85 -12.94
CA LEU C 130 -11.65 -24.35 -12.01
C LEU C 130 -12.32 -25.38 -11.11
N ASP C 131 -11.52 -26.26 -10.57
CA ASP C 131 -12.02 -27.28 -9.71
C ASP C 131 -11.49 -26.96 -8.35
N LYS C 132 -10.22 -26.53 -8.28
CA LYS C 132 -9.56 -26.19 -7.03
C LYS C 132 -8.58 -25.03 -7.15
N ILE C 133 -8.45 -24.27 -6.07
CA ILE C 133 -7.54 -23.14 -6.04
C ILE C 133 -6.63 -23.41 -4.87
N TYR C 134 -5.32 -23.31 -5.08
CA TYR C 134 -4.35 -23.49 -3.98
C TYR C 134 -3.46 -22.28 -3.90
N ILE C 135 -3.47 -21.64 -2.74
CA ILE C 135 -2.65 -20.46 -2.50
C ILE C 135 -1.59 -20.83 -1.49
N HIS C 136 -0.38 -20.32 -1.69
CA HIS C 136 0.71 -20.63 -0.78
C HIS C 136 0.34 -20.30 0.68
N PRO C 137 0.42 -21.31 1.57
CA PRO C 137 0.08 -21.11 3.00
C PRO C 137 0.86 -19.93 3.62
N ARG C 138 2.10 -19.70 3.16
CA ARG C 138 2.88 -18.60 3.71
C ARG C 138 2.85 -17.30 2.89
N TYR C 139 1.89 -17.18 1.95
CA TYR C 139 1.72 -15.94 1.15
C TYR C 139 1.56 -14.72 2.10
N ASN C 140 2.30 -13.65 1.84
CA ASN C 140 2.25 -12.49 2.72
C ASN C 140 1.72 -11.19 2.10
N TRP C 141 0.41 -11.01 2.15
CA TRP C 141 -0.19 -9.83 1.59
C TRP C 141 -0.12 -8.71 2.63
N LYS C 142 0.06 -9.08 3.88
CA LYS C 142 0.11 -8.06 4.91
C LYS C 142 1.24 -7.08 4.65
N GLU C 143 2.39 -7.54 4.17
CA GLU C 143 3.46 -6.58 3.97
C GLU C 143 4.18 -6.53 2.67
N ASN C 144 4.44 -7.67 2.05
CA ASN C 144 5.19 -7.54 0.84
C ASN C 144 4.82 -8.38 -0.35
N LEU C 145 3.71 -9.10 -0.26
CA LEU C 145 3.31 -9.97 -1.38
C LEU C 145 4.35 -11.05 -1.58
N ASP C 146 4.96 -11.46 -0.48
CA ASP C 146 5.95 -12.51 -0.51
C ASP C 146 5.20 -13.81 -0.82
N ARG C 147 5.82 -14.66 -1.65
CA ARG C 147 5.20 -15.93 -1.99
C ARG C 147 3.87 -15.73 -2.65
N ASP C 148 3.87 -14.86 -3.65
CA ASP C 148 2.70 -14.50 -4.39
C ASP C 148 2.49 -15.55 -5.47
N ILE C 149 2.08 -16.75 -5.08
CA ILE C 149 1.83 -17.84 -6.00
C ILE C 149 0.52 -18.63 -5.65
N ALA C 150 -0.21 -19.00 -6.71
CA ALA C 150 -1.44 -19.78 -6.61
C ALA C 150 -1.48 -20.77 -7.80
N LEU C 151 -1.94 -21.99 -7.49
CA LEU C 151 -2.13 -23.09 -8.46
C LEU C 151 -3.64 -23.32 -8.70
N LEU C 152 -4.11 -23.14 -9.93
CA LEU C 152 -5.55 -23.32 -10.30
C LEU C 152 -5.77 -24.65 -11.03
N LYS C 153 -6.49 -25.59 -10.43
CA LYS C 153 -6.71 -26.88 -11.09
C LYS C 153 -7.98 -26.87 -11.93
N LEU C 154 -7.84 -27.01 -13.23
CA LEU C 154 -8.97 -27.05 -14.14
C LEU C 154 -9.91 -28.21 -13.74
N LYS C 155 -11.20 -27.99 -13.99
CA LYS C 155 -12.28 -28.94 -13.73
C LYS C 155 -11.99 -30.29 -14.38
N ARG C 156 -11.53 -30.18 -15.62
CA ARG C 156 -11.21 -31.31 -16.48
C ARG C 156 -10.03 -31.00 -17.42
N PRO C 157 -9.18 -32.02 -17.74
CA PRO C 157 -8.01 -31.92 -18.63
C PRO C 157 -8.44 -31.37 -19.95
N ILE C 158 -7.65 -30.47 -20.46
CA ILE C 158 -7.96 -29.81 -21.70
C ILE C 158 -7.12 -30.38 -22.84
N GLU C 159 -7.54 -30.10 -24.08
CA GLU C 159 -6.87 -30.57 -25.30
C GLU C 159 -5.91 -29.52 -25.86
N LEU C 160 -4.65 -29.93 -26.11
CA LEU C 160 -3.62 -29.04 -26.62
C LEU C 160 -3.74 -28.79 -28.12
N SER C 161 -3.28 -27.62 -28.56
CA SER C 161 -3.36 -27.26 -29.96
C SER C 161 -2.23 -26.29 -30.40
N ASP C 162 -2.30 -25.81 -31.66
CA ASP C 162 -1.36 -24.85 -32.25
C ASP C 162 -1.29 -23.66 -31.32
N TYR C 163 -2.36 -23.53 -30.54
CA TYR C 163 -2.48 -22.44 -29.61
C TYR C 163 -2.56 -22.80 -28.16
N ILE C 164 -2.52 -24.07 -27.77
CA ILE C 164 -2.62 -24.32 -26.35
C ILE C 164 -1.54 -25.26 -26.10
N HIS C 165 -0.48 -24.79 -25.44
CA HIS C 165 0.66 -25.65 -25.17
C HIS C 165 1.38 -25.22 -23.88
N PRO C 166 1.65 -26.15 -22.95
CA PRO C 166 2.33 -25.74 -21.72
C PRO C 166 3.78 -25.22 -21.77
N VAL C 167 4.15 -24.43 -20.76
CA VAL C 167 5.47 -23.83 -20.69
C VAL C 167 6.19 -24.69 -19.73
N CYS C 168 7.52 -24.65 -19.69
CA CYS C 168 8.19 -25.50 -18.70
C CYS C 168 8.54 -24.77 -17.38
N LEU C 169 8.62 -25.55 -16.30
CA LEU C 169 9.03 -25.07 -14.98
C LEU C 169 10.54 -25.30 -15.02
N PRO C 170 11.37 -24.38 -14.46
CA PRO C 170 12.82 -24.60 -14.51
C PRO C 170 13.40 -25.66 -13.59
N ASP C 171 14.50 -26.22 -14.02
CA ASP C 171 15.17 -27.18 -13.17
C ASP C 171 16.38 -26.39 -12.70
N LYS C 172 17.13 -26.98 -11.77
CA LYS C 172 18.33 -26.41 -11.17
C LYS C 172 19.31 -25.81 -12.15
N GLN C 173 19.64 -26.55 -13.20
CA GLN C 173 20.58 -26.07 -14.18
C GLN C 173 20.11 -24.92 -15.01
N THR C 174 18.81 -24.87 -15.29
CA THR C 174 18.28 -23.77 -16.10
C THR C 174 18.27 -22.49 -15.27
N ALA C 175 17.91 -22.63 -14.00
CA ALA C 175 17.90 -21.48 -13.10
C ALA C 175 19.33 -20.95 -13.01
N ALA C 176 20.25 -21.87 -12.78
CA ALA C 176 21.68 -21.65 -12.66
C ALA C 176 22.22 -21.01 -13.88
N LYS C 177 21.70 -21.43 -15.04
CA LYS C 177 22.17 -20.96 -16.32
C LYS C 177 21.60 -19.64 -16.82
N LEU C 178 20.30 -19.45 -16.59
CA LEU C 178 19.63 -18.28 -17.11
C LEU C 178 19.48 -17.10 -16.17
N LEU C 179 19.31 -17.35 -14.88
CA LEU C 179 19.13 -16.25 -13.92
C LEU C 179 20.37 -15.36 -13.62
N HIS C 180 20.57 -14.36 -14.48
CA HIS C 180 21.68 -13.45 -14.34
C HIS C 180 21.28 -12.07 -14.76
N ALA C 181 21.79 -11.09 -14.03
CA ALA C 181 21.47 -9.71 -14.33
C ALA C 181 21.91 -9.46 -15.76
N GLY C 182 21.07 -8.72 -16.49
CA GLY C 182 21.38 -8.42 -17.87
C GLY C 182 20.69 -9.38 -18.81
N PHE C 183 20.54 -10.65 -18.41
CA PHE C 183 19.85 -11.59 -19.27
C PHE C 183 18.41 -11.08 -19.38
N LYS C 184 17.87 -11.05 -20.59
CA LYS C 184 16.52 -10.59 -20.80
C LYS C 184 15.55 -11.75 -20.82
N GLY C 185 14.35 -11.46 -20.32
CA GLY C 185 13.24 -12.41 -20.24
C GLY C 185 12.10 -11.72 -20.96
N ARG C 186 11.00 -12.45 -21.15
CA ARG C 186 9.86 -11.93 -21.89
C ARG C 186 8.56 -11.81 -21.11
N VAL C 187 7.81 -10.75 -21.35
CA VAL C 187 6.52 -10.55 -20.70
C VAL C 187 5.45 -10.10 -21.70
N THR C 188 4.39 -10.88 -21.73
CA THR C 188 3.23 -10.65 -22.60
C THR C 188 1.99 -10.35 -21.73
N GLY C 189 1.17 -9.42 -22.18
CA GLY C 189 0.02 -9.12 -21.39
C GLY C 189 -1.15 -8.34 -21.92
N TRP C 190 -2.04 -8.11 -20.96
CA TRP C 190 -3.29 -7.41 -21.13
C TRP C 190 -3.49 -6.47 -19.91
N GLY C 191 -3.07 -5.23 -20.04
CA GLY C 191 -3.24 -4.25 -18.97
C GLY C 191 -2.50 -4.49 -17.66
N ASN C 192 -3.04 -3.95 -16.58
CA ASN C 192 -2.48 -4.06 -15.23
C ASN C 192 -1.26 -3.16 -15.01
N ARG C 193 -0.74 -3.16 -13.78
CA ARG C 193 0.42 -2.32 -13.42
C ARG C 193 0.04 -0.86 -13.68
N ARG C 194 -1.23 -0.53 -13.44
CA ARG C 194 -1.75 0.80 -13.69
C ARG C 194 -2.97 1.15 -12.83
N GLU C 195 -3.01 0.63 -11.60
CA GLU C 195 -4.13 0.88 -10.69
C GLU C 195 -4.11 2.33 -10.18
N THR C 196 -5.21 3.05 -10.39
CA THR C 196 -5.29 4.44 -9.96
C THR C 196 -6.71 5.01 -10.03
N TRP C 197 -7.03 5.93 -9.12
CA TRP C 197 -8.34 6.57 -9.10
C TRP C 197 -8.29 7.66 -10.14
N THR C 198 -7.25 8.48 -10.06
CA THR C 198 -7.06 9.55 -11.02
C THR C 198 -6.60 8.81 -12.26
N THR C 199 -7.55 8.21 -12.97
CA THR C 199 -7.24 7.46 -14.16
C THR C 199 -7.51 8.29 -15.41
N SER C 200 -6.81 7.94 -16.48
CA SER C 200 -6.94 8.61 -17.77
C SER C 200 -6.78 7.56 -18.84
N VAL C 201 -5.54 7.07 -18.98
CA VAL C 201 -5.14 6.05 -19.95
C VAL C 201 -5.84 5.88 -21.29
N ALA C 202 -5.03 5.96 -22.34
CA ALA C 202 -5.47 5.81 -23.72
C ALA C 202 -4.25 5.99 -24.61
N GLU C 203 -4.00 5.00 -25.46
CA GLU C 203 -2.88 5.01 -26.39
C GLU C 203 -3.02 3.73 -27.20
N VAL C 204 -3.29 2.64 -26.49
CA VAL C 204 -3.48 1.32 -27.08
C VAL C 204 -3.69 0.28 -25.97
N GLN C 205 -4.90 0.22 -25.45
CA GLN C 205 -5.21 -0.75 -24.39
C GLN C 205 -5.04 -2.13 -25.02
N PRO C 206 -4.21 -2.98 -24.41
CA PRO C 206 -3.95 -4.33 -24.90
C PRO C 206 -5.18 -5.13 -25.34
N SER C 207 -5.47 -5.07 -26.63
CA SER C 207 -6.58 -5.82 -27.21
C SER C 207 -5.91 -7.12 -27.64
N VAL C 208 -4.89 -6.98 -28.48
CA VAL C 208 -4.12 -8.11 -28.96
C VAL C 208 -2.99 -8.26 -27.94
N LEU C 209 -2.63 -9.50 -27.64
CA LEU C 209 -1.56 -9.80 -26.68
C LEU C 209 -0.31 -9.14 -27.20
N GLN C 210 0.39 -8.48 -26.31
CA GLN C 210 1.61 -7.82 -26.71
C GLN C 210 2.79 -8.47 -26.01
N VAL C 211 3.98 -8.15 -26.49
CA VAL C 211 5.20 -8.72 -25.94
C VAL C 211 6.28 -7.67 -25.69
N VAL C 212 6.97 -7.78 -24.57
CA VAL C 212 8.04 -6.86 -24.30
C VAL C 212 9.07 -7.67 -23.55
N ASN C 213 10.34 -7.45 -23.86
CA ASN C 213 11.43 -8.17 -23.23
C ASN C 213 12.23 -7.22 -22.31
N LEU C 214 12.62 -7.71 -21.13
CA LEU C 214 13.36 -6.86 -20.21
C LEU C 214 14.45 -7.59 -19.47
N PRO C 215 15.50 -6.86 -19.14
CA PRO C 215 16.62 -7.44 -18.42
C PRO C 215 16.38 -7.67 -16.95
N LEU C 216 17.01 -8.73 -16.42
CA LEU C 216 16.97 -9.01 -14.99
C LEU C 216 17.95 -7.96 -14.43
N VAL C 217 17.61 -7.43 -13.25
CA VAL C 217 18.38 -6.39 -12.58
C VAL C 217 19.02 -7.04 -11.36
N GLU C 218 20.22 -6.57 -11.03
CA GLU C 218 21.01 -7.05 -9.90
C GLU C 218 20.22 -6.82 -8.62
N ARG C 219 20.17 -7.82 -7.75
CA ARG C 219 19.42 -7.71 -6.52
C ARG C 219 19.57 -6.44 -5.62
N PRO C 220 20.83 -5.98 -5.33
CA PRO C 220 21.00 -4.78 -4.49
C PRO C 220 20.37 -3.53 -5.15
N VAL C 221 20.37 -3.49 -6.48
CA VAL C 221 19.73 -2.43 -7.22
C VAL C 221 18.18 -2.49 -7.01
N CYS C 222 17.61 -3.70 -7.09
CA CYS C 222 16.17 -3.96 -6.84
C CYS C 222 15.79 -3.54 -5.41
N LYS C 223 16.62 -3.98 -4.47
CA LYS C 223 16.42 -3.67 -3.05
C LYS C 223 16.47 -2.17 -2.80
N ALA C 224 17.48 -1.48 -3.36
CA ALA C 224 17.65 -0.05 -3.14
C ALA C 224 16.56 0.82 -3.76
N SER C 225 15.83 0.27 -4.71
CA SER C 225 14.77 1.01 -5.35
C SER C 225 13.46 1.06 -4.54
N THR C 226 13.39 0.38 -3.40
CA THR C 226 12.10 0.36 -2.72
C THR C 226 12.16 0.33 -1.20
N ARG C 227 11.10 0.80 -0.54
CA ARG C 227 11.10 0.76 0.91
C ARG C 227 10.54 -0.56 1.35
N ILE C 228 9.99 -1.33 0.39
CA ILE C 228 9.41 -2.66 0.63
C ILE C 228 10.60 -3.63 0.86
N ARG C 229 10.52 -4.41 1.93
CA ARG C 229 11.55 -5.40 2.21
C ARG C 229 11.30 -6.50 1.19
N ILE C 230 12.27 -6.73 0.31
CA ILE C 230 12.12 -7.78 -0.69
C ILE C 230 12.77 -9.05 -0.15
N THR C 231 12.34 -10.18 -0.67
CA THR C 231 12.86 -11.47 -0.21
C THR C 231 13.53 -12.29 -1.34
N ASP C 232 14.08 -13.45 -0.98
CA ASP C 232 14.71 -14.26 -1.98
C ASP C 232 13.72 -14.87 -2.90
N ASN C 233 12.45 -14.80 -2.54
CA ASN C 233 11.38 -15.37 -3.38
C ASN C 233 10.83 -14.41 -4.40
N MET C 234 11.59 -13.35 -4.68
CA MET C 234 11.22 -12.34 -5.68
C MET C 234 12.49 -11.91 -6.40
N PHE C 235 12.31 -11.22 -7.52
CA PHE C 235 13.39 -10.66 -8.28
C PHE C 235 12.71 -9.53 -9.07
N CYS C 236 13.49 -8.62 -9.60
CA CYS C 236 12.93 -7.51 -10.36
C CYS C 236 13.64 -7.47 -11.69
N ALA C 237 13.00 -6.88 -12.68
CA ALA C 237 13.54 -6.74 -14.01
C ALA C 237 13.12 -5.38 -14.62
N GLY C 238 13.87 -4.89 -15.57
CA GLY C 238 13.48 -3.64 -16.18
C GLY C 238 14.67 -2.81 -16.51
N TYR C 239 14.45 -1.75 -17.25
CA TYR C 239 15.52 -0.83 -17.61
C TYR C 239 15.92 0.26 -16.55
N LYS C 240 17.23 0.45 -16.39
CA LYS C 240 17.75 1.43 -15.43
C LYS C 240 17.59 2.87 -15.90
N PRO C 241 17.73 3.86 -15.00
CA PRO C 241 17.59 5.25 -15.41
C PRO C 241 18.12 5.55 -16.79
N GLY C 242 17.12 5.79 -17.61
CA GLY C 242 17.31 6.14 -18.99
C GLY C 242 16.10 7.02 -19.22
N GLU C 243 16.34 8.32 -19.34
CA GLU C 243 15.28 9.28 -19.61
C GLU C 243 14.60 8.75 -20.88
N GLY C 244 15.37 7.95 -21.62
CA GLY C 244 14.88 7.31 -22.82
C GLY C 244 14.84 5.82 -22.52
N LYS C 245 13.73 5.39 -21.93
CA LYS C 245 13.52 3.98 -21.56
C LYS C 245 12.09 3.58 -21.95
N ARG C 246 11.89 3.27 -23.21
CA ARG C 246 10.57 2.86 -23.67
C ARG C 246 10.45 1.35 -23.79
N GLY C 247 10.36 0.69 -22.64
CA GLY C 247 10.24 -0.76 -22.62
C GLY C 247 9.72 -1.27 -21.29
N ASP C 248 8.83 -0.50 -20.67
CA ASP C 248 8.25 -0.88 -19.38
C ASP C 248 7.06 -1.80 -19.55
N ALA C 249 6.92 -2.77 -18.65
CA ALA C 249 5.84 -3.74 -18.71
C ALA C 249 4.49 -3.27 -18.15
N CYS C 250 4.17 -1.99 -18.34
CA CYS C 250 2.90 -1.44 -17.84
C CYS C 250 1.69 -1.94 -18.62
N GLU C 251 1.93 -2.82 -19.59
CA GLU C 251 0.87 -3.40 -20.41
C GLU C 251 0.78 -4.88 -20.10
N GLY C 252 1.75 -5.36 -19.34
CA GLY C 252 1.83 -6.76 -18.98
C GLY C 252 1.03 -7.06 -17.73
N ASP C 253 0.05 -7.91 -17.88
CA ASP C 253 -0.85 -8.31 -16.81
C ASP C 253 -0.27 -9.04 -15.59
N SER C 254 -0.82 -8.64 -14.44
CA SER C 254 -0.52 -9.16 -13.13
C SER C 254 -0.84 -10.66 -13.12
N GLY C 255 -0.07 -11.46 -12.38
CA GLY C 255 -0.28 -12.89 -12.40
C GLY C 255 0.23 -13.57 -13.71
N GLY C 256 0.56 -12.79 -14.76
CA GLY C 256 1.10 -13.33 -16.03
C GLY C 256 2.50 -14.02 -15.94
N PRO C 257 3.01 -14.73 -16.98
CA PRO C 257 4.33 -15.40 -16.87
C PRO C 257 5.52 -14.59 -17.36
N PHE C 258 6.70 -14.74 -16.74
CA PHE C 258 7.92 -14.04 -17.22
C PHE C 258 8.66 -15.27 -17.69
N VAL C 259 8.90 -15.31 -19.01
CA VAL C 259 9.56 -16.45 -19.68
C VAL C 259 10.96 -16.24 -20.26
N MET C 260 11.79 -17.28 -20.15
CA MET C 260 13.14 -17.24 -20.73
C MET C 260 13.33 -18.52 -21.55
N LYS C 261 14.00 -18.35 -22.69
CA LYS C 261 14.31 -19.48 -23.59
C LYS C 261 15.74 -20.06 -23.43
N SER C 262 15.82 -21.33 -23.05
CA SER C 262 17.11 -21.99 -22.88
C SER C 262 17.80 -22.32 -24.17
N PRO C 263 19.01 -21.79 -24.36
CA PRO C 263 19.77 -22.08 -25.60
C PRO C 263 20.26 -23.57 -25.63
N TYR C 264 20.25 -24.20 -24.46
CA TYR C 264 20.66 -25.57 -24.30
C TYR C 264 19.73 -26.67 -24.88
N ASN C 265 18.44 -26.37 -25.02
CA ASN C 265 17.49 -27.38 -25.47
C ASN C 265 16.41 -26.73 -26.27
N ASN C 266 16.61 -25.48 -26.60
CA ASN C 266 15.58 -24.75 -27.36
C ASN C 266 14.15 -24.53 -26.73
N ARG C 267 13.96 -24.86 -25.45
CA ARG C 267 12.65 -24.69 -24.75
C ARG C 267 12.47 -23.38 -23.97
N TRP C 268 11.20 -22.92 -23.85
CA TRP C 268 10.79 -21.73 -23.09
C TRP C 268 10.49 -22.15 -21.65
N TYR C 269 10.98 -21.36 -20.69
CA TYR C 269 10.80 -21.68 -19.29
C TYR C 269 10.19 -20.46 -18.54
N GLN C 270 9.24 -20.74 -17.62
CA GLN C 270 8.63 -19.65 -16.85
C GLN C 270 9.53 -19.40 -15.66
N MET C 271 10.12 -18.22 -15.60
CA MET C 271 11.03 -17.99 -14.51
C MET C 271 10.39 -17.24 -13.38
N GLY C 272 9.40 -16.42 -13.74
CA GLY C 272 8.69 -15.64 -12.73
C GLY C 272 7.21 -15.48 -13.01
N ILE C 273 6.49 -14.84 -12.10
CA ILE C 273 5.04 -14.53 -12.20
C ILE C 273 4.95 -13.01 -11.97
N VAL C 274 4.31 -12.22 -12.86
CA VAL C 274 4.20 -10.74 -12.69
C VAL C 274 3.57 -10.44 -11.33
N SER C 275 4.30 -9.79 -10.43
CA SER C 275 3.74 -9.63 -9.10
C SER C 275 3.28 -8.25 -8.65
N TRP C 276 4.22 -7.33 -8.44
CA TRP C 276 3.85 -5.95 -8.02
C TRP C 276 4.69 -4.89 -8.67
N GLY C 277 5.11 -5.24 -9.87
CA GLY C 277 5.93 -4.40 -10.72
C GLY C 277 5.86 -2.88 -10.72
N GLU C 278 6.46 -2.30 -9.68
CA GLU C 278 6.49 -0.85 -9.54
C GLU C 278 7.31 -0.28 -10.70
N GLY C 279 7.68 0.99 -10.61
CA GLY C 279 8.43 1.58 -11.70
C GLY C 279 7.53 2.04 -12.82
N CYS C 280 6.23 1.79 -12.67
CA CYS C 280 5.25 2.19 -13.66
C CYS C 280 4.71 3.53 -13.22
N ASP C 281 3.55 3.93 -13.74
CA ASP C 281 2.94 5.22 -13.41
C ASP C 281 3.86 6.27 -14.02
N ARG C 282 5.00 6.45 -13.36
CA ARG C 282 6.07 7.37 -13.73
C ARG C 282 6.93 7.44 -12.48
N ASP C 283 7.76 6.42 -12.28
CA ASP C 283 8.62 6.35 -11.10
C ASP C 283 9.84 5.45 -11.39
N GLY C 284 11.05 6.02 -11.33
CA GLY C 284 12.27 5.26 -11.60
C GLY C 284 12.46 4.09 -10.65
N LYS C 285 11.87 2.95 -11.02
CA LYS C 285 11.86 1.75 -10.21
C LYS C 285 11.78 0.48 -11.10
N TYR C 286 11.53 -0.70 -10.51
CA TYR C 286 11.49 -1.92 -11.30
C TYR C 286 10.22 -2.73 -11.10
N GLY C 287 10.04 -3.78 -11.90
CA GLY C 287 8.89 -4.61 -11.69
C GLY C 287 9.27 -5.81 -10.85
N PHE C 288 8.41 -6.25 -9.93
CA PHE C 288 8.69 -7.41 -9.11
C PHE C 288 7.94 -8.67 -9.52
N TYR C 289 8.66 -9.78 -9.44
CA TYR C 289 8.20 -11.09 -9.86
C TYR C 289 8.46 -12.09 -8.82
N THR C 290 7.59 -13.10 -8.80
CA THR C 290 7.66 -14.25 -7.88
C THR C 290 8.65 -15.21 -8.54
N HIS C 291 9.64 -15.62 -7.79
CA HIS C 291 10.66 -16.51 -8.27
C HIS C 291 10.11 -17.98 -8.23
N VAL C 292 9.52 -18.42 -9.34
CA VAL C 292 8.96 -19.77 -9.46
C VAL C 292 9.94 -20.84 -9.06
N PHE C 293 11.16 -20.74 -9.55
CA PHE C 293 12.15 -21.75 -9.20
C PHE C 293 12.34 -21.90 -7.71
N ARG C 294 12.45 -20.80 -6.98
CA ARG C 294 12.60 -20.89 -5.52
C ARG C 294 11.37 -21.51 -4.82
N LEU C 295 10.21 -21.56 -5.48
CA LEU C 295 8.99 -22.13 -4.86
C LEU C 295 8.50 -23.44 -5.48
N LYS C 296 9.33 -24.05 -6.34
CA LYS C 296 9.03 -25.30 -7.04
C LYS C 296 8.74 -26.50 -6.16
N LYS C 297 9.24 -26.51 -4.94
CA LYS C 297 8.96 -27.64 -4.08
C LYS C 297 7.51 -27.65 -3.59
N TRP C 298 6.92 -26.46 -3.46
CA TRP C 298 5.53 -26.36 -3.03
C TRP C 298 4.67 -26.64 -4.25
N ILE C 299 5.12 -26.22 -5.43
CA ILE C 299 4.35 -26.51 -6.60
C ILE C 299 4.27 -28.05 -6.78
N GLN C 300 5.37 -28.79 -6.61
CA GLN C 300 5.33 -30.25 -6.82
C GLN C 300 4.45 -30.94 -5.83
N LYS C 301 4.61 -30.54 -4.58
CA LYS C 301 3.88 -31.07 -3.44
C LYS C 301 2.40 -31.09 -3.73
N VAL C 302 1.81 -29.92 -3.97
CA VAL C 302 0.38 -29.90 -4.23
C VAL C 302 0.07 -30.64 -5.52
N ILE C 303 0.95 -30.51 -6.50
CA ILE C 303 0.69 -31.12 -7.80
C ILE C 303 0.63 -32.63 -7.81
N ASP C 304 1.51 -33.32 -7.11
CA ASP C 304 1.38 -34.76 -7.08
C ASP C 304 1.08 -35.16 -5.64
#